data_5IW4
#
_entry.id   5IW4
#
_cell.length_a   51.932
_cell.length_b   99.369
_cell.length_c   113.655
_cell.angle_alpha   90.00
_cell.angle_beta   90.00
_cell.angle_gamma   90.00
#
_symmetry.space_group_name_H-M   'P 21 21 21'
#
loop_
_entity.id
_entity.type
_entity.pdbx_description
1 polymer 'NADH pyrophosphatase'
2 non-polymer 'ZINC ION'
3 non-polymer NICOTINAMIDE-ADENINE-DINUCLEOTIDE
4 water water
#
_entity_poly.entity_id   1
_entity_poly.type   'polypeptide(L)'
_entity_poly.pdbx_seq_one_letter_code
;SMDRIIEKLDHGWWVVSHEQKLWLPKGELPYGEAANFDLVGQRALQIGEWQGEPVWLVQQQRRHDMGSVRQVIDLDVGLF
QLAGRGVQLAEFYRSHKYCGYCGHEMYPSKTEWAMLCSHCRERYYPQIAPCIIVAIRRDDSILLAQHTRHRNGVHTVLAG
FVEVGETLEQAVAREVMEESGIKVKNLRYVTSQPWPFPQSLMTAFMAEYDSGDIVIDPKELLEANWYRYDDLPLLPPPGT
VARRLIEDTVAMCRAEYE
;
_entity_poly.pdbx_strand_id   A,B
#
loop_
_chem_comp.id
_chem_comp.type
_chem_comp.name
_chem_comp.formula
NAD non-polymer NICOTINAMIDE-ADENINE-DINUCLEOTIDE 'C21 H27 N7 O14 P2'
ZN non-polymer 'ZINC ION' 'Zn 2'
#
# COMPACT_ATOMS: atom_id res chain seq x y z
N SER A 1 9.83 -19.52 0.87
CA SER A 1 8.59 -20.00 1.48
C SER A 1 8.75 -21.40 2.06
N MET A 2 8.77 -21.50 3.39
CA MET A 2 8.92 -22.77 4.07
C MET A 2 7.88 -22.95 5.17
N ASP A 3 7.09 -24.02 5.06
CA ASP A 3 6.00 -24.29 6.00
C ASP A 3 6.10 -25.71 6.52
N ARG A 4 6.66 -25.89 7.71
CA ARG A 4 6.93 -27.25 8.18
C ARG A 4 6.92 -27.44 9.70
N ILE A 5 7.06 -28.70 10.09
CA ILE A 5 7.14 -29.09 11.48
C ILE A 5 8.53 -28.77 12.00
N ILE A 6 8.61 -28.27 13.23
CA ILE A 6 9.88 -27.86 13.81
C ILE A 6 10.68 -28.99 14.45
N GLU A 7 11.98 -29.08 14.16
CA GLU A 7 12.83 -30.15 14.66
C GLU A 7 13.77 -29.59 15.65
N LYS A 8 14.46 -30.45 16.37
CA LYS A 8 15.38 -30.01 17.40
C LYS A 8 16.48 -29.15 16.84
N LEU A 9 16.80 -29.37 15.59
CA LEU A 9 17.94 -28.76 14.97
C LEU A 9 17.56 -27.43 14.38
N ASP A 10 16.32 -27.05 14.60
CA ASP A 10 15.85 -25.73 14.19
C ASP A 10 16.12 -24.70 15.28
N HIS A 11 16.47 -23.49 14.87
CA HIS A 11 16.89 -22.46 15.80
C HIS A 11 16.70 -21.08 15.20
N GLY A 12 16.82 -20.05 16.01
CA GLY A 12 16.78 -18.69 15.52
C GLY A 12 15.90 -17.77 16.35
N TRP A 13 15.22 -16.85 15.67
CA TRP A 13 14.31 -15.92 16.32
C TRP A 13 12.88 -16.41 16.19
N TRP A 14 12.18 -16.52 17.32
CA TRP A 14 10.84 -17.12 17.32
C TRP A 14 9.72 -16.12 17.59
N VAL A 15 8.94 -15.82 16.55
CA VAL A 15 7.75 -15.00 16.68
C VAL A 15 6.56 -15.91 16.94
N VAL A 16 6.17 -15.99 18.21
CA VAL A 16 5.04 -16.81 18.61
C VAL A 16 3.84 -15.89 18.81
N SER A 17 2.94 -15.87 17.84
CA SER A 17 1.92 -14.84 17.81
C SER A 17 0.48 -15.36 17.74
N HIS A 18 -0.42 -14.61 18.37
CA HIS A 18 -1.85 -14.87 18.27
C HIS A 18 -2.60 -13.58 18.57
N GLU A 19 -3.52 -13.21 17.70
CA GLU A 19 -4.33 -12.01 17.85
C GLU A 19 -3.57 -10.73 18.08
N GLN A 20 -2.65 -10.44 17.18
CA GLN A 20 -1.92 -9.23 17.16
C GLN A 20 -0.95 -9.09 18.35
N LYS A 21 -0.76 -10.18 19.05
CA LYS A 21 0.19 -10.24 20.15
C LYS A 21 1.32 -11.19 19.82
N LEU A 22 2.47 -11.00 20.45
CA LEU A 22 3.57 -11.95 20.32
C LEU A 22 4.16 -12.31 21.67
N TRP A 23 4.77 -13.48 21.75
CA TRP A 23 5.33 -13.96 23.01
C TRP A 23 6.69 -13.32 23.30
N LEU A 24 6.73 -12.53 24.37
CA LEU A 24 7.98 -11.89 24.80
C LEU A 24 8.34 -12.29 26.22
N PRO A 25 8.92 -13.48 26.38
CA PRO A 25 9.41 -13.89 27.70
C PRO A 25 10.58 -13.01 28.12
N LYS A 26 10.49 -12.44 29.32
CA LYS A 26 11.49 -11.50 29.83
C LYS A 26 11.60 -10.26 28.94
N GLY A 27 10.50 -9.92 28.27
CA GLY A 27 10.48 -8.76 27.39
C GLY A 27 11.42 -8.90 26.21
N GLU A 28 11.75 -10.13 25.87
CA GLU A 28 12.68 -10.40 24.79
C GLU A 28 12.02 -11.19 23.69
N LEU A 29 12.42 -10.93 22.45
CA LEU A 29 12.07 -11.78 21.34
C LEU A 29 12.87 -13.07 21.48
N PRO A 30 12.16 -14.21 21.55
CA PRO A 30 12.75 -15.54 21.76
C PRO A 30 13.88 -15.88 20.79
N TYR A 31 15.02 -16.27 21.32
CA TYR A 31 16.17 -16.66 20.51
C TYR A 31 16.79 -17.96 20.95
N GLY A 32 17.21 -18.77 20.02
CA GLY A 32 17.89 -19.99 20.36
C GLY A 32 17.30 -21.23 19.70
N GLU A 33 17.64 -22.39 20.23
CA GLU A 33 17.16 -23.66 19.68
C GLU A 33 15.70 -23.92 20.06
N ALA A 34 15.01 -24.65 19.18
CA ALA A 34 13.58 -24.91 19.30
C ALA A 34 13.19 -25.62 20.59
N ALA A 35 13.96 -26.63 20.97
CA ALA A 35 13.65 -27.42 22.15
C ALA A 35 13.67 -26.53 23.41
N ASN A 36 14.28 -25.38 23.29
CA ASN A 36 14.40 -24.53 24.42
C ASN A 36 13.22 -23.67 24.59
N PHE A 37 12.22 -23.87 23.77
CA PHE A 37 11.00 -23.10 23.86
C PHE A 37 9.85 -24.05 23.66
N ASP A 38 10.13 -25.33 23.78
CA ASP A 38 9.13 -26.40 23.68
C ASP A 38 8.38 -26.37 22.34
N LEU A 39 9.11 -26.09 21.27
CA LEU A 39 8.50 -25.92 19.96
C LEU A 39 8.74 -27.11 19.02
N VAL A 40 9.35 -28.17 19.54
CA VAL A 40 9.58 -29.36 18.73
C VAL A 40 8.25 -30.04 18.40
N GLY A 41 8.01 -30.28 17.11
CA GLY A 41 6.79 -30.92 16.67
C GLY A 41 5.69 -29.92 16.36
N GLN A 42 5.98 -28.64 16.56
CA GLN A 42 5.02 -27.58 16.33
C GLN A 42 5.11 -27.04 14.91
N ARG A 43 3.98 -26.87 14.25
CA ARG A 43 3.94 -26.32 12.91
C ARG A 43 4.41 -24.87 12.89
N ALA A 44 5.25 -24.53 11.94
CA ALA A 44 5.79 -23.18 11.86
C ALA A 44 6.14 -22.76 10.45
N LEU A 45 6.29 -21.47 10.27
CA LEU A 45 6.54 -20.90 8.98
C LEU A 45 7.80 -20.08 9.03
N GLN A 46 8.72 -20.30 8.13
CA GLN A 46 9.89 -19.44 8.10
C GLN A 46 9.54 -18.16 7.33
N ILE A 47 9.57 -17.05 8.03
CA ILE A 47 9.16 -15.78 7.45
C ILE A 47 10.35 -14.93 7.01
N GLY A 48 11.55 -15.43 7.25
CA GLY A 48 12.73 -14.70 6.81
C GLY A 48 14.00 -15.13 7.50
N GLU A 49 14.97 -14.25 7.48
CA GLU A 49 16.24 -14.56 8.06
C GLU A 49 17.00 -13.33 8.42
N TRP A 50 17.54 -13.31 9.62
CA TRP A 50 18.31 -12.17 10.08
C TRP A 50 19.71 -12.57 10.49
N GLN A 51 20.70 -12.12 9.71
CA GLN A 51 22.11 -12.36 9.97
C GLN A 51 22.41 -13.84 10.21
N GLY A 52 21.87 -14.67 9.33
CA GLY A 52 22.13 -16.11 9.39
C GLY A 52 21.09 -16.85 10.19
N GLU A 53 20.36 -16.11 11.01
CA GLU A 53 19.36 -16.73 11.86
C GLU A 53 17.98 -16.66 11.22
N PRO A 54 17.38 -17.82 10.97
CA PRO A 54 16.03 -17.84 10.41
C PRO A 54 15.05 -17.23 11.39
N VAL A 55 14.10 -16.46 10.88
CA VAL A 55 13.01 -15.94 11.70
C VAL A 55 11.78 -16.81 11.46
N TRP A 56 11.21 -17.34 12.54
CA TRP A 56 10.08 -18.27 12.46
C TRP A 56 8.79 -17.66 12.99
N LEU A 57 7.67 -18.12 12.44
CA LEU A 57 6.36 -17.75 12.95
C LEU A 57 5.63 -19.00 13.42
N VAL A 58 5.19 -18.96 14.67
CA VAL A 58 4.42 -20.04 15.25
C VAL A 58 3.06 -19.49 15.68
N GLN A 59 1.99 -20.00 15.05
CA GLN A 59 0.65 -19.53 15.35
C GLN A 59 0.06 -20.21 16.58
N GLN A 60 0.49 -19.77 17.75
CA GLN A 60 -0.09 -20.23 19.00
C GLN A 60 0.02 -19.10 20.02
N GLN A 61 -0.71 -19.22 21.12
CA GLN A 61 -0.63 -18.24 22.20
C GLN A 61 -0.16 -18.88 23.50
N ARG A 62 0.62 -18.15 24.27
CA ARG A 62 1.08 -18.65 25.54
C ARG A 62 0.25 -18.05 26.68
N ARG A 63 0.52 -18.45 27.92
CA ARG A 63 -0.27 -18.00 29.04
C ARG A 63 0.21 -16.69 29.48
N HIS A 64 1.50 -16.52 29.49
CA HIS A 64 2.04 -15.27 29.96
C HIS A 64 2.92 -14.53 28.95
N ASP A 65 3.26 -13.28 29.24
CA ASP A 65 4.21 -12.48 28.46
C ASP A 65 3.82 -12.24 27.00
N MET A 66 2.53 -12.31 26.72
CA MET A 66 2.04 -11.92 25.39
C MET A 66 1.89 -10.40 25.39
N GLY A 67 2.30 -9.77 24.30
CA GLY A 67 2.23 -8.31 24.21
C GLY A 67 2.47 -7.76 22.83
N SER A 68 2.74 -6.46 22.79
CA SER A 68 2.90 -5.72 21.54
C SER A 68 4.32 -5.78 21.00
N VAL A 69 4.44 -5.87 19.68
CA VAL A 69 5.75 -5.88 19.02
C VAL A 69 6.50 -4.56 19.22
N ARG A 70 5.75 -3.51 19.58
CA ARG A 70 6.32 -2.19 19.89
C ARG A 70 7.36 -2.27 21.01
N GLN A 71 7.21 -3.29 21.86
CA GLN A 71 8.13 -3.51 22.96
C GLN A 71 9.55 -3.79 22.47
N VAL A 72 9.67 -4.46 21.33
CA VAL A 72 10.98 -4.83 20.83
C VAL A 72 11.47 -3.93 19.69
N ILE A 73 10.90 -2.73 19.60
CA ILE A 73 11.24 -1.78 18.55
C ILE A 73 12.69 -1.28 18.63
N ASP A 74 13.36 -1.55 19.74
CA ASP A 74 14.74 -1.12 19.90
C ASP A 74 15.75 -2.10 19.29
N LEU A 75 15.26 -3.19 18.71
CA LEU A 75 16.12 -4.14 18.01
C LEU A 75 16.58 -3.57 16.67
N ASP A 76 17.42 -4.31 15.95
CA ASP A 76 17.84 -3.91 14.63
C ASP A 76 16.61 -3.72 13.76
N VAL A 77 16.64 -2.68 12.93
CA VAL A 77 15.49 -2.33 12.09
C VAL A 77 14.97 -3.51 11.27
N GLY A 78 15.87 -4.27 10.66
CA GLY A 78 15.51 -5.44 9.88
C GLY A 78 14.85 -6.53 10.71
N LEU A 79 15.37 -6.74 11.91
CA LEU A 79 14.82 -7.76 12.81
C LEU A 79 13.42 -7.37 13.29
N PHE A 80 13.24 -6.09 13.62
CA PHE A 80 11.95 -5.57 14.04
C PHE A 80 10.93 -5.70 12.91
N GLN A 81 11.35 -5.36 11.69
CA GLN A 81 10.50 -5.52 10.52
C GLN A 81 10.08 -6.98 10.32
N LEU A 82 11.00 -7.91 10.58
CA LEU A 82 10.69 -9.33 10.45
C LEU A 82 9.70 -9.81 11.53
N ALA A 83 9.86 -9.32 12.75
CA ALA A 83 8.92 -9.66 13.82
C ALA A 83 7.52 -9.16 13.46
N GLY A 84 7.48 -7.89 13.03
CA GLY A 84 6.25 -7.30 12.52
C GLY A 84 5.63 -8.16 11.43
N ARG A 85 6.48 -8.69 10.55
CA ARG A 85 6.02 -9.61 9.52
C ARG A 85 5.31 -10.81 10.15
N GLY A 86 5.93 -11.41 11.17
CA GLY A 86 5.29 -12.51 11.87
C GLY A 86 3.89 -12.19 12.37
N VAL A 87 3.79 -11.08 13.10
CA VAL A 87 2.49 -10.65 13.63
C VAL A 87 1.44 -10.42 12.54
N GLN A 88 1.82 -9.67 11.51
CA GLN A 88 0.94 -9.41 10.38
C GLN A 88 0.46 -10.68 9.68
N LEU A 89 1.36 -11.63 9.45
CA LEU A 89 1.00 -12.87 8.77
C LEU A 89 0.05 -13.75 9.60
N ALA A 90 0.32 -13.86 10.91
CA ALA A 90 -0.60 -14.58 11.79
C ALA A 90 -2.00 -13.94 11.75
N GLU A 91 -2.05 -12.61 11.80
CA GLU A 91 -3.33 -11.90 11.73
C GLU A 91 -4.02 -12.07 10.37
N PHE A 92 -3.23 -12.25 9.31
CA PHE A 92 -3.77 -12.48 7.99
C PHE A 92 -4.46 -13.85 7.90
N TYR A 93 -3.72 -14.90 8.27
CA TYR A 93 -4.29 -16.24 8.29
C TYR A 93 -5.52 -16.31 9.19
N ARG A 94 -5.45 -15.67 10.35
CA ARG A 94 -6.60 -15.64 11.25
C ARG A 94 -7.78 -14.91 10.59
N SER A 95 -7.48 -13.85 9.84
CA SER A 95 -8.50 -13.04 9.21
C SER A 95 -9.17 -13.76 8.04
N HIS A 96 -8.52 -14.80 7.52
CA HIS A 96 -9.09 -15.48 6.36
C HIS A 96 -9.43 -16.95 6.58
N LYS A 97 -9.92 -17.27 7.78
CA LYS A 97 -10.36 -18.63 8.07
C LYS A 97 -11.50 -19.04 7.13
N TYR A 98 -12.44 -18.12 6.91
CA TYR A 98 -13.52 -18.35 5.97
C TYR A 98 -13.38 -17.45 4.75
N CYS A 99 -13.88 -17.92 3.61
CA CYS A 99 -13.86 -17.13 2.39
C CYS A 99 -14.89 -16.01 2.43
N GLY A 100 -14.44 -14.79 2.20
CA GLY A 100 -15.32 -13.63 2.19
C GLY A 100 -16.34 -13.67 1.05
N TYR A 101 -15.96 -14.28 -0.07
CA TYR A 101 -16.82 -14.35 -1.23
C TYR A 101 -18.00 -15.32 -1.06
N CYS A 102 -17.69 -16.57 -0.70
CA CYS A 102 -18.72 -17.60 -0.66
C CYS A 102 -18.97 -18.22 0.73
N GLY A 103 -18.15 -17.87 1.71
CA GLY A 103 -18.40 -18.30 3.07
C GLY A 103 -17.89 -19.67 3.44
N HIS A 104 -17.27 -20.36 2.48
CA HIS A 104 -16.68 -21.66 2.76
C HIS A 104 -15.32 -21.50 3.44
N GLU A 105 -14.81 -22.58 4.00
CA GLU A 105 -13.53 -22.55 4.70
C GLU A 105 -12.35 -22.52 3.73
N MET A 106 -11.31 -21.80 4.11
CA MET A 106 -10.13 -21.64 3.24
C MET A 106 -8.92 -22.40 3.76
N TYR A 107 -7.93 -22.58 2.90
CA TYR A 107 -6.72 -23.31 3.24
C TYR A 107 -5.49 -22.60 2.70
N PRO A 108 -4.36 -22.71 3.42
CA PRO A 108 -3.11 -22.04 3.06
C PRO A 108 -2.54 -22.50 1.72
N SER A 109 -1.89 -21.58 1.01
CA SER A 109 -1.12 -21.95 -0.17
C SER A 109 0.17 -22.65 0.24
N LYS A 110 0.90 -23.14 -0.73
CA LYS A 110 2.18 -23.76 -0.49
C LYS A 110 3.20 -23.16 -1.40
N THR A 111 2.73 -22.27 -2.25
CA THR A 111 3.58 -21.50 -3.15
C THR A 111 4.07 -20.25 -2.43
N GLU A 112 3.13 -19.58 -1.75
CA GLU A 112 3.38 -18.25 -1.21
C GLU A 112 2.51 -18.05 0.03
N TRP A 113 2.58 -16.86 0.61
CA TRP A 113 1.68 -16.50 1.70
C TRP A 113 0.34 -16.12 1.10
N ALA A 114 -0.63 -17.03 1.18
CA ALA A 114 -1.94 -16.79 0.57
C ALA A 114 -2.97 -17.77 1.10
N MET A 115 -4.23 -17.35 1.07
CA MET A 115 -5.33 -18.20 1.49
C MET A 115 -6.26 -18.49 0.31
N LEU A 116 -6.38 -19.77 -0.03
CA LEU A 116 -7.14 -20.18 -1.19
C LEU A 116 -8.46 -20.83 -0.77
N CYS A 117 -9.50 -20.63 -1.58
CA CYS A 117 -10.82 -21.17 -1.25
C CYS A 117 -11.02 -22.55 -1.84
N SER A 118 -11.52 -23.46 -1.01
CA SER A 118 -11.80 -24.82 -1.44
C SER A 118 -12.94 -24.85 -2.45
N HIS A 119 -13.95 -24.05 -2.18
CA HIS A 119 -15.14 -24.07 -2.98
C HIS A 119 -15.04 -23.24 -4.22
N CYS A 120 -14.83 -21.95 -4.08
CA CYS A 120 -14.74 -21.04 -5.21
C CYS A 120 -13.30 -20.79 -5.64
N ARG A 121 -13.13 -19.97 -6.64
CA ARG A 121 -11.82 -19.76 -7.23
C ARG A 121 -11.11 -18.52 -6.73
N GLU A 122 -11.32 -18.17 -5.49
CA GLU A 122 -10.82 -16.90 -4.98
C GLU A 122 -9.64 -17.01 -4.04
N ARG A 123 -8.79 -15.99 -4.04
CA ARG A 123 -7.58 -15.93 -3.26
C ARG A 123 -7.54 -14.67 -2.40
N TYR A 124 -6.71 -14.68 -1.37
CA TYR A 124 -6.42 -13.49 -0.60
C TYR A 124 -4.93 -13.46 -0.33
N TYR A 125 -4.38 -12.26 -0.28
CA TYR A 125 -2.99 -12.07 0.09
C TYR A 125 -2.99 -11.10 1.25
N PRO A 126 -1.95 -11.17 2.10
CA PRO A 126 -1.88 -10.27 3.27
C PRO A 126 -2.05 -8.78 2.93
N GLN A 127 -2.91 -8.12 3.68
CA GLN A 127 -3.24 -6.72 3.42
C GLN A 127 -2.24 -5.75 4.02
N ILE A 128 -1.59 -4.98 3.17
CA ILE A 128 -0.73 -3.90 3.59
C ILE A 128 -1.47 -2.61 3.26
N ALA A 129 -1.68 -1.77 4.27
CA ALA A 129 -2.42 -0.53 4.06
C ALA A 129 -1.47 0.67 3.95
N PRO A 130 -1.29 1.16 2.72
CA PRO A 130 -0.39 2.31 2.51
C PRO A 130 -0.91 3.58 3.22
N CYS A 131 0.02 4.25 3.88
CA CYS A 131 -0.27 5.47 4.63
C CYS A 131 0.69 6.57 4.24
N ILE A 132 0.19 7.80 4.23
CA ILE A 132 1.08 8.94 4.10
C ILE A 132 1.33 9.54 5.47
N ILE A 133 2.50 10.12 5.60
CA ILE A 133 2.84 10.89 6.78
C ILE A 133 3.75 12.03 6.32
N VAL A 134 3.35 13.25 6.67
CA VAL A 134 3.99 14.45 6.16
C VAL A 134 4.29 15.44 7.28
N ALA A 135 5.50 16.00 7.20
CA ALA A 135 5.93 17.09 8.05
C ALA A 135 5.91 18.35 7.22
N ILE A 136 5.09 19.30 7.64
CA ILE A 136 4.91 20.54 6.91
C ILE A 136 5.76 21.66 7.50
N ARG A 137 6.58 22.27 6.64
CA ARG A 137 7.51 23.32 7.06
C ARG A 137 6.99 24.70 6.67
N ARG A 138 7.05 25.64 7.61
CA ARG A 138 6.74 27.04 7.32
C ARG A 138 7.88 27.93 7.81
N ASP A 139 8.74 28.35 6.87
CA ASP A 139 9.88 29.20 7.16
C ASP A 139 10.77 28.58 8.23
N ASP A 140 10.63 29.04 9.46
CA ASP A 140 11.42 28.52 10.56
C ASP A 140 10.56 27.64 11.48
N SER A 141 9.35 27.33 11.04
CA SER A 141 8.39 26.59 11.87
C SER A 141 7.92 25.30 11.22
N ILE A 142 7.48 24.38 12.06
CA ILE A 142 6.88 23.13 11.61
C ILE A 142 5.52 22.97 12.26
N LEU A 143 4.55 22.48 11.50
CA LEU A 143 3.20 22.28 12.02
C LEU A 143 3.13 21.00 12.85
N LEU A 144 2.80 21.13 14.13
CA LEU A 144 2.63 19.96 15.00
C LEU A 144 1.25 19.94 15.63
N ALA A 145 0.74 18.74 15.92
CA ALA A 145 -0.63 18.60 16.37
C ALA A 145 -0.82 17.51 17.43
N GLN A 146 -1.83 17.69 18.28
CA GLN A 146 -2.21 16.69 19.25
C GLN A 146 -3.39 15.93 18.75
N HIS A 147 -3.35 14.61 18.89
CA HIS A 147 -4.37 13.78 18.28
C HIS A 147 -5.51 13.39 19.22
N THR A 148 -6.73 13.54 18.71
CA THR A 148 -7.95 13.30 19.45
C THR A 148 -8.11 11.84 19.83
N ARG A 149 -7.82 10.97 18.87
CA ARG A 149 -8.04 9.53 18.96
C ARG A 149 -7.37 8.90 20.15
N HIS A 150 -6.11 9.25 20.34
CA HIS A 150 -5.35 8.73 21.46
C HIS A 150 -4.46 9.83 22.04
N ARG A 151 -4.70 10.15 23.31
CA ARG A 151 -4.12 11.33 23.90
C ARG A 151 -2.90 11.04 24.71
N ASN A 152 -1.83 11.77 24.46
CA ASN A 152 -0.55 11.38 24.94
C ASN A 152 0.33 12.53 25.30
N GLY A 153 -0.17 13.73 25.13
CA GLY A 153 0.56 14.95 25.39
C GLY A 153 1.72 15.15 24.44
N VAL A 154 1.72 14.40 23.35
CA VAL A 154 2.78 14.48 22.36
C VAL A 154 2.26 15.15 21.10
N HIS A 155 3.04 16.11 20.59
CA HIS A 155 2.71 16.77 19.34
C HIS A 155 3.51 16.13 18.23
N THR A 156 2.84 15.82 17.13
CA THR A 156 3.49 15.14 16.00
C THR A 156 2.99 15.65 14.65
N VAL A 157 3.43 15.00 13.57
CA VAL A 157 3.13 15.47 12.21
C VAL A 157 1.83 14.88 11.70
N LEU A 158 1.49 15.13 10.43
CA LEU A 158 0.20 14.67 9.95
C LEU A 158 0.28 13.31 9.26
N ALA A 159 -0.72 12.47 9.47
CA ALA A 159 -0.72 11.13 8.90
C ALA A 159 -2.11 10.73 8.43
N GLY A 160 -2.18 9.75 7.54
CA GLY A 160 -3.48 9.27 7.10
C GLY A 160 -3.39 8.15 6.09
N PHE A 161 -4.38 7.26 6.12
CA PHE A 161 -4.42 6.17 5.16
C PHE A 161 -4.73 6.69 3.77
N VAL A 162 -4.07 6.10 2.78
CA VAL A 162 -4.33 6.40 1.40
C VAL A 162 -5.66 5.76 1.05
N GLU A 163 -6.47 6.43 0.25
CA GLU A 163 -7.72 5.89 -0.19
C GLU A 163 -7.60 5.14 -1.51
N VAL A 164 -8.60 4.34 -1.83
CA VAL A 164 -8.64 3.64 -3.12
C VAL A 164 -8.79 4.64 -4.24
N GLY A 165 -7.94 4.51 -5.27
CA GLY A 165 -8.06 5.32 -6.46
C GLY A 165 -7.39 6.68 -6.37
N GLU A 166 -6.58 6.88 -5.35
CA GLU A 166 -5.84 8.13 -5.23
C GLU A 166 -4.34 7.87 -5.10
N THR A 167 -3.54 8.83 -5.55
CA THR A 167 -2.08 8.73 -5.47
C THR A 167 -1.63 9.19 -4.09
N LEU A 168 -0.36 8.93 -3.78
CA LEU A 168 0.21 9.39 -2.51
C LEU A 168 0.10 10.91 -2.38
N GLU A 169 0.41 11.62 -3.47
CA GLU A 169 0.35 13.07 -3.50
C GLU A 169 -1.05 13.57 -3.15
N GLN A 170 -2.04 12.99 -3.82
CA GLN A 170 -3.44 13.33 -3.56
C GLN A 170 -3.81 12.99 -2.12
N ALA A 171 -3.22 11.92 -1.59
CA ALA A 171 -3.51 11.52 -0.21
C ALA A 171 -2.95 12.51 0.80
N VAL A 172 -1.77 13.06 0.52
CA VAL A 172 -1.18 14.08 1.38
C VAL A 172 -2.03 15.35 1.33
N ALA A 173 -2.35 15.77 0.11
CA ALA A 173 -3.20 16.94 -0.08
C ALA A 173 -4.52 16.79 0.66
N ARG A 174 -5.19 15.67 0.45
CA ARG A 174 -6.50 15.41 1.03
C ARG A 174 -6.44 15.35 2.57
N GLU A 175 -5.54 14.52 3.11
CA GLU A 175 -5.41 14.42 4.57
C GLU A 175 -5.07 15.77 5.23
N VAL A 176 -4.11 16.49 4.67
CA VAL A 176 -3.74 17.78 5.22
C VAL A 176 -4.89 18.79 5.16
N MET A 177 -5.57 18.87 4.03
CA MET A 177 -6.70 19.79 3.90
C MET A 177 -7.83 19.44 4.86
N GLU A 178 -8.11 18.14 5.00
CA GLU A 178 -9.18 17.66 5.88
C GLU A 178 -8.86 17.94 7.36
N GLU A 179 -7.60 17.78 7.74
CA GLU A 179 -7.23 17.92 9.14
C GLU A 179 -6.90 19.35 9.60
N SER A 180 -6.27 20.13 8.74
CA SER A 180 -5.75 21.45 9.15
C SER A 180 -6.22 22.62 8.28
N GLY A 181 -6.83 22.33 7.14
CA GLY A 181 -7.37 23.35 6.27
C GLY A 181 -6.34 24.11 5.44
N ILE A 182 -5.08 23.72 5.55
CA ILE A 182 -4.04 24.42 4.81
C ILE A 182 -3.60 23.65 3.56
N LYS A 183 -2.95 24.35 2.65
CA LYS A 183 -2.45 23.76 1.43
C LYS A 183 -0.96 23.73 1.45
N VAL A 184 -0.38 22.71 0.85
CA VAL A 184 1.07 22.57 0.86
C VAL A 184 1.63 22.58 -0.55
N LYS A 185 2.93 22.79 -0.65
CA LYS A 185 3.65 22.76 -1.91
C LYS A 185 4.94 22.03 -1.75
N ASN A 186 5.60 21.72 -2.86
CA ASN A 186 6.92 21.09 -2.86
C ASN A 186 6.98 19.76 -2.13
N LEU A 187 6.05 18.87 -2.44
CA LEU A 187 6.05 17.54 -1.84
C LEU A 187 7.36 16.84 -2.12
N ARG A 188 7.88 16.13 -1.12
CA ARG A 188 9.19 15.52 -1.22
C ARG A 188 9.21 14.18 -0.48
N TYR A 189 9.32 13.09 -1.21
CA TYR A 189 9.40 11.77 -0.58
C TYR A 189 10.70 11.64 0.20
N VAL A 190 10.64 10.95 1.32
CA VAL A 190 11.82 10.78 2.17
C VAL A 190 12.18 9.32 2.31
N THR A 191 11.24 8.54 2.86
CA THR A 191 11.46 7.11 3.05
C THR A 191 10.13 6.43 3.36
N SER A 192 10.18 5.12 3.56
CA SER A 192 9.01 4.35 3.93
C SER A 192 9.32 3.46 5.13
N GLN A 193 8.27 3.04 5.84
CA GLN A 193 8.44 2.20 7.01
C GLN A 193 7.24 1.29 7.25
N PRO A 194 7.49 -0.02 7.40
CA PRO A 194 6.44 -0.96 7.78
C PRO A 194 6.01 -0.69 9.22
N TRP A 195 4.71 -0.60 9.44
CA TRP A 195 4.18 -0.26 10.76
C TRP A 195 3.06 -1.22 11.09
N PRO A 196 3.40 -2.34 11.74
CA PRO A 196 2.45 -3.42 12.03
C PRO A 196 1.48 -3.08 13.15
N PHE A 197 0.79 -1.94 13.02
CA PHE A 197 -0.16 -1.53 14.04
C PHE A 197 -1.52 -1.08 13.47
N PRO A 198 -2.26 -2.00 12.84
CA PRO A 198 -1.92 -3.43 12.65
C PRO A 198 -1.16 -3.75 11.35
N GLN A 199 -1.34 -2.99 10.28
CA GLN A 199 -0.82 -3.43 8.98
C GLN A 199 -0.53 -2.30 7.98
N SER A 200 0.14 -1.25 8.44
CA SER A 200 0.33 -0.08 7.61
C SER A 200 1.70 -0.06 6.96
N LEU A 201 1.77 0.48 5.75
CA LEU A 201 3.04 0.82 5.13
C LEU A 201 3.15 2.34 5.04
N MET A 202 3.99 2.92 5.90
CA MET A 202 4.17 4.36 5.93
C MET A 202 4.94 4.84 4.72
N THR A 203 4.51 5.96 4.15
CA THR A 203 5.31 6.68 3.15
C THR A 203 5.50 8.11 3.64
N ALA A 204 6.74 8.49 3.94
CA ALA A 204 7.01 9.73 4.64
C ALA A 204 7.34 10.89 3.70
N PHE A 205 6.73 12.05 3.94
CA PHE A 205 6.92 13.20 3.07
C PHE A 205 7.30 14.47 3.82
N MET A 206 8.09 15.31 3.15
CA MET A 206 8.33 16.69 3.58
C MET A 206 7.51 17.57 2.66
N ALA A 207 7.03 18.68 3.20
CA ALA A 207 6.26 19.64 2.40
C ALA A 207 6.37 21.03 3.01
N GLU A 208 6.10 22.03 2.19
CA GLU A 208 6.17 23.41 2.65
C GLU A 208 4.79 24.06 2.67
N TYR A 209 4.62 25.05 3.53
CA TYR A 209 3.36 25.76 3.63
C TYR A 209 3.09 26.51 2.34
N ASP A 210 1.83 26.53 1.92
CA ASP A 210 1.43 27.30 0.75
C ASP A 210 0.46 28.43 1.13
N SER A 211 -0.74 28.07 1.57
CA SER A 211 -1.74 29.06 1.94
C SER A 211 -2.80 28.46 2.86
N GLY A 212 -3.65 29.32 3.42
CA GLY A 212 -4.71 28.87 4.29
C GLY A 212 -4.37 29.05 5.76
N ASP A 213 -5.40 29.27 6.58
CA ASP A 213 -5.22 29.36 8.02
C ASP A 213 -5.57 28.02 8.64
N ILE A 214 -4.95 27.71 9.76
CA ILE A 214 -5.16 26.42 10.42
C ILE A 214 -6.58 26.29 10.98
N VAL A 215 -7.35 25.39 10.39
CA VAL A 215 -8.70 25.08 10.84
C VAL A 215 -8.80 23.58 11.03
N ILE A 216 -8.93 23.14 12.27
CA ILE A 216 -8.79 21.72 12.57
C ILE A 216 -10.10 20.95 12.56
N ASP A 217 -10.00 19.65 12.26
CA ASP A 217 -11.11 18.73 12.42
C ASP A 217 -10.97 18.10 13.80
N PRO A 218 -11.82 18.51 14.74
CA PRO A 218 -11.75 18.13 16.15
C PRO A 218 -11.84 16.63 16.37
N LYS A 219 -12.44 15.91 15.45
CA LYS A 219 -12.50 14.46 15.53
C LYS A 219 -11.11 13.86 15.33
N GLU A 220 -10.23 14.59 14.69
CA GLU A 220 -8.87 14.11 14.46
C GLU A 220 -7.84 14.83 15.29
N LEU A 221 -8.02 16.12 15.48
CA LEU A 221 -7.01 16.93 16.17
C LEU A 221 -7.57 17.72 17.35
N LEU A 222 -6.86 17.69 18.48
CA LEU A 222 -7.21 18.52 19.62
C LEU A 222 -6.74 19.96 19.37
N GLU A 223 -5.57 20.07 18.78
CA GLU A 223 -4.98 21.34 18.34
C GLU A 223 -3.82 21.17 17.43
N ALA A 224 -3.51 22.21 16.67
CA ALA A 224 -2.35 22.18 15.79
C ALA A 224 -1.75 23.58 15.71
N ASN A 225 -0.43 23.67 15.71
CA ASN A 225 0.23 24.98 15.65
C ASN A 225 1.58 24.95 14.95
N TRP A 226 2.06 26.13 14.56
CA TRP A 226 3.41 26.29 14.06
C TRP A 226 4.38 26.42 15.22
N TYR A 227 5.32 25.50 15.31
CA TYR A 227 6.34 25.55 16.34
C TYR A 227 7.70 25.82 15.71
N ARG A 228 8.36 26.87 16.17
CA ARG A 228 9.69 27.22 15.67
C ARG A 228 10.64 26.08 15.99
N TYR A 229 11.63 25.92 15.18
CA TYR A 229 12.51 24.76 15.25
C TYR A 229 13.24 24.66 16.56
N ASP A 230 13.59 25.80 17.13
CA ASP A 230 14.37 25.85 18.36
C ASP A 230 13.56 25.55 19.62
N ASP A 231 12.28 25.88 19.60
CA ASP A 231 11.43 25.69 20.78
C ASP A 231 10.27 24.73 20.49
N LEU A 232 10.54 23.44 20.66
CA LEU A 232 9.59 22.39 20.31
C LEU A 232 8.87 21.80 21.52
N PRO A 233 7.68 21.23 21.30
CA PRO A 233 6.94 20.52 22.35
C PRO A 233 7.40 19.07 22.49
N LEU A 234 6.51 18.20 22.86
CA LEU A 234 6.90 16.85 23.08
C LEU A 234 6.72 16.01 21.87
N LEU A 235 7.80 15.37 21.47
CA LEU A 235 7.86 14.67 20.19
C LEU A 235 7.64 13.16 20.33
N PRO A 236 7.18 12.51 19.25
CA PRO A 236 7.11 11.04 19.22
C PRO A 236 8.50 10.45 19.40
N PRO A 237 8.57 9.18 19.83
CA PRO A 237 9.87 8.54 20.14
C PRO A 237 10.75 8.38 18.92
N PRO A 238 12.07 8.58 19.09
CA PRO A 238 13.05 8.20 18.08
C PRO A 238 12.84 6.75 17.65
N GLY A 239 13.09 6.44 16.38
CA GLY A 239 12.82 5.11 15.86
C GLY A 239 11.54 5.09 15.05
N THR A 240 10.72 6.12 15.22
CA THR A 240 9.53 6.30 14.39
C THR A 240 9.87 7.25 13.25
N VAL A 241 9.21 7.07 12.11
CA VAL A 241 9.50 7.89 10.94
C VAL A 241 9.02 9.33 11.15
N ALA A 242 8.05 9.50 12.04
CA ALA A 242 7.54 10.81 12.40
C ALA A 242 8.63 11.70 13.01
N ARG A 243 9.28 11.21 14.03
CA ARG A 243 10.33 11.96 14.67
C ARG A 243 11.42 12.30 13.70
N ARG A 244 11.72 11.35 12.85
CA ARG A 244 12.70 11.51 11.80
C ARG A 244 12.38 12.63 10.83
N LEU A 245 11.14 12.71 10.40
CA LEU A 245 10.69 13.83 9.57
C LEU A 245 10.84 15.16 10.32
N ILE A 246 10.35 15.18 11.56
CA ILE A 246 10.44 16.36 12.41
C ILE A 246 11.87 16.87 12.52
N GLU A 247 12.80 15.94 12.63
CA GLU A 247 14.15 16.29 12.87
C GLU A 247 14.96 16.57 11.64
N ASP A 248 14.55 16.07 10.51
CA ASP A 248 15.14 16.49 9.24
C ASP A 248 14.73 17.93 9.00
N THR A 249 13.45 18.22 9.28
CA THR A 249 12.95 19.58 9.20
C THR A 249 13.74 20.52 10.11
N VAL A 250 13.89 20.11 11.37
CA VAL A 250 14.57 20.92 12.37
C VAL A 250 16.04 21.16 12.01
N ALA A 251 16.74 20.08 11.65
CA ALA A 251 18.15 20.18 11.26
C ALA A 251 18.30 21.12 10.06
N MET A 252 17.33 21.08 9.17
CA MET A 252 17.33 21.96 8.03
C MET A 252 17.10 23.41 8.39
N CYS A 253 16.18 23.65 9.30
CA CYS A 253 15.93 25.00 9.77
C CYS A 253 17.13 25.61 10.49
N ARG A 254 17.76 24.81 11.30
CA ARG A 254 18.92 25.25 12.00
C ARG A 254 19.92 25.61 10.97
N ALA A 255 20.28 24.63 10.15
CA ALA A 255 21.36 24.79 9.18
C ALA A 255 21.13 26.02 8.30
N GLU A 256 19.87 26.33 8.01
CA GLU A 256 19.54 27.45 7.14
C GLU A 256 19.31 28.74 7.88
N TYR A 257 18.96 28.66 9.16
CA TYR A 257 18.81 29.86 9.99
C TYR A 257 19.80 29.80 11.15
N SER B 1 -18.49 9.29 2.47
CA SER B 1 -19.42 8.26 2.03
C SER B 1 -20.80 8.81 1.80
N MET B 2 -21.38 8.47 0.67
CA MET B 2 -22.79 8.77 0.42
C MET B 2 -23.46 7.65 -0.40
N ASP B 3 -24.67 7.30 0.01
CA ASP B 3 -25.30 6.09 -0.44
C ASP B 3 -26.77 6.18 -0.55
N ARG B 4 -27.27 6.23 -1.75
CA ARG B 4 -28.67 6.60 -1.98
C ARG B 4 -29.43 5.87 -3.08
N ILE B 5 -30.74 5.94 -3.02
CA ILE B 5 -31.58 5.46 -4.10
C ILE B 5 -31.65 6.53 -5.19
N ILE B 6 -31.34 6.12 -6.42
CA ILE B 6 -31.23 7.05 -7.53
C ILE B 6 -32.58 7.48 -8.10
N GLU B 7 -32.74 8.78 -8.29
CA GLU B 7 -34.00 9.33 -8.78
C GLU B 7 -33.94 9.72 -10.26
N LYS B 8 -34.97 10.35 -10.78
CA LYS B 8 -35.06 10.66 -12.20
C LYS B 8 -33.97 11.54 -12.72
N LEU B 9 -33.78 12.67 -12.10
CA LEU B 9 -32.67 13.47 -12.54
C LEU B 9 -31.52 13.40 -11.57
N ASP B 10 -30.88 12.26 -11.60
CA ASP B 10 -29.54 12.14 -11.11
C ASP B 10 -28.68 12.12 -12.37
N HIS B 11 -27.47 12.60 -12.29
CA HIS B 11 -26.70 12.75 -13.49
C HIS B 11 -25.23 12.74 -13.21
N GLY B 12 -24.43 12.53 -14.24
CA GLY B 12 -22.99 12.47 -14.11
C GLY B 12 -22.47 11.20 -14.72
N TRP B 13 -21.39 10.68 -14.15
CA TRP B 13 -20.74 9.49 -14.65
C TRP B 13 -21.21 8.26 -13.88
N TRP B 14 -21.37 7.16 -14.60
CA TRP B 14 -21.90 5.94 -14.00
C TRP B 14 -20.95 4.76 -14.13
N VAL B 15 -20.35 4.39 -13.01
CA VAL B 15 -19.51 3.21 -12.93
C VAL B 15 -20.39 2.04 -12.52
N VAL B 16 -20.81 1.24 -13.51
CA VAL B 16 -21.72 0.12 -13.26
C VAL B 16 -20.93 -1.18 -13.26
N SER B 17 -20.52 -1.62 -12.07
CA SER B 17 -19.48 -2.65 -11.98
C SER B 17 -19.91 -3.95 -11.31
N HIS B 18 -19.20 -5.01 -11.66
CA HIS B 18 -19.40 -6.35 -11.13
C HIS B 18 -18.33 -7.29 -11.69
N GLU B 19 -17.63 -7.97 -10.79
CA GLU B 19 -16.56 -8.90 -11.17
C GLU B 19 -15.44 -8.30 -12.01
N GLN B 20 -14.79 -7.28 -11.46
CA GLN B 20 -13.63 -6.64 -12.10
C GLN B 20 -13.93 -6.05 -13.49
N LYS B 21 -15.20 -5.76 -13.74
CA LYS B 21 -15.61 -5.15 -15.01
C LYS B 21 -16.59 -4.01 -14.78
N LEU B 22 -16.70 -3.13 -15.76
CA LEU B 22 -17.66 -2.04 -15.70
C LEU B 22 -18.39 -1.95 -17.05
N TRP B 23 -19.61 -1.43 -17.01
CA TRP B 23 -20.44 -1.31 -18.21
C TRP B 23 -19.92 -0.21 -19.14
N LEU B 24 -19.54 -0.60 -20.36
CA LEU B 24 -19.03 0.37 -21.33
C LEU B 24 -19.77 0.30 -22.68
N PRO B 25 -20.99 0.86 -22.73
CA PRO B 25 -21.79 0.86 -23.95
C PRO B 25 -21.04 1.51 -25.10
N LYS B 26 -20.87 0.77 -26.20
CA LYS B 26 -20.12 1.25 -27.35
C LYS B 26 -18.69 1.66 -27.00
N GLY B 27 -18.17 1.05 -25.93
CA GLY B 27 -16.78 1.24 -25.54
C GLY B 27 -16.44 2.58 -24.90
N GLU B 28 -17.41 3.20 -24.25
CA GLU B 28 -17.17 4.47 -23.54
C GLU B 28 -17.86 4.46 -22.17
N LEU B 29 -17.44 5.38 -21.31
CA LEU B 29 -18.00 5.50 -19.97
C LEU B 29 -19.36 6.19 -19.99
N PRO B 30 -20.38 5.54 -19.41
CA PRO B 30 -21.75 6.10 -19.37
C PRO B 30 -21.79 7.44 -18.66
N TYR B 31 -22.22 8.48 -19.37
CA TYR B 31 -22.38 9.80 -18.80
C TYR B 31 -23.75 10.35 -19.18
N GLY B 32 -24.41 10.99 -18.22
CA GLY B 32 -25.72 11.56 -18.48
C GLY B 32 -26.66 11.35 -17.32
N GLU B 33 -27.95 11.21 -17.64
CA GLU B 33 -29.00 11.12 -16.65
C GLU B 33 -29.39 9.70 -16.33
N ALA B 34 -29.85 9.46 -15.10
CA ALA B 34 -30.20 8.13 -14.62
C ALA B 34 -31.21 7.42 -15.54
N ALA B 35 -32.28 8.12 -15.89
CA ALA B 35 -33.34 7.56 -16.72
C ALA B 35 -32.81 7.03 -18.06
N ASN B 36 -31.75 7.64 -18.55
CA ASN B 36 -31.10 7.19 -19.77
C ASN B 36 -30.42 5.87 -19.68
N PHE B 37 -30.13 5.42 -18.48
CA PHE B 37 -29.41 4.16 -18.28
C PHE B 37 -30.19 3.15 -17.42
N ASP B 38 -31.46 3.40 -17.21
CA ASP B 38 -32.32 2.56 -16.39
C ASP B 38 -31.87 2.37 -14.98
N LEU B 39 -31.33 3.42 -14.40
CA LEU B 39 -30.69 3.34 -13.11
C LEU B 39 -31.55 3.93 -12.03
N VAL B 40 -32.77 4.22 -12.39
CA VAL B 40 -33.73 4.81 -11.46
C VAL B 40 -34.19 3.78 -10.42
N GLY B 41 -34.27 4.22 -9.17
CA GLY B 41 -34.68 3.34 -8.07
C GLY B 41 -33.60 2.35 -7.68
N GLN B 42 -32.38 2.63 -8.10
CA GLN B 42 -31.26 1.74 -7.82
C GLN B 42 -30.33 2.34 -6.76
N ARG B 43 -29.75 1.47 -5.93
CA ARG B 43 -28.79 1.90 -4.94
C ARG B 43 -27.49 2.29 -5.63
N ALA B 44 -27.04 3.52 -5.38
CA ALA B 44 -25.77 3.98 -5.90
C ALA B 44 -24.95 4.60 -4.79
N LEU B 45 -23.64 4.64 -5.02
CA LEU B 45 -22.69 5.19 -4.06
C LEU B 45 -21.83 6.25 -4.74
N GLN B 46 -21.87 7.48 -4.23
CA GLN B 46 -21.02 8.53 -4.78
C GLN B 46 -19.57 8.27 -4.41
N ILE B 47 -18.75 7.98 -5.41
CA ILE B 47 -17.36 7.62 -5.20
C ILE B 47 -16.43 8.78 -5.55
N GLY B 48 -17.00 9.89 -5.99
CA GLY B 48 -16.20 11.05 -6.32
C GLY B 48 -16.96 12.10 -7.12
N GLU B 49 -16.24 13.13 -7.53
CA GLU B 49 -16.82 14.20 -8.32
C GLU B 49 -15.82 14.64 -9.37
N TRP B 50 -16.30 14.83 -10.59
CA TRP B 50 -15.45 15.28 -11.68
C TRP B 50 -16.10 16.45 -12.38
N GLN B 51 -15.46 17.62 -12.29
CA GLN B 51 -15.97 18.85 -12.87
C GLN B 51 -17.40 19.18 -12.42
N GLY B 52 -17.66 19.08 -11.12
CA GLY B 52 -18.96 19.41 -10.57
C GLY B 52 -19.95 18.27 -10.62
N GLU B 53 -19.81 17.40 -11.62
CA GLU B 53 -20.70 16.27 -11.82
C GLU B 53 -20.27 15.07 -10.99
N PRO B 54 -21.21 14.49 -10.20
CA PRO B 54 -20.90 13.35 -9.33
C PRO B 54 -20.53 12.10 -10.12
N VAL B 55 -19.59 11.32 -9.59
CA VAL B 55 -19.29 10.01 -10.16
C VAL B 55 -19.90 8.94 -9.26
N TRP B 56 -20.79 8.14 -9.84
CA TRP B 56 -21.53 7.15 -9.06
C TRP B 56 -21.01 5.74 -9.30
N LEU B 57 -21.29 4.86 -8.36
CA LEU B 57 -21.00 3.45 -8.49
C LEU B 57 -22.29 2.68 -8.25
N VAL B 58 -22.68 1.89 -9.25
CA VAL B 58 -23.81 0.98 -9.12
C VAL B 58 -23.30 -0.44 -9.21
N GLN B 59 -23.66 -1.25 -8.22
CA GLN B 59 -23.22 -2.64 -8.15
C GLN B 59 -24.20 -3.59 -8.85
N GLN B 60 -24.13 -3.64 -10.17
CA GLN B 60 -24.93 -4.51 -11.00
C GLN B 60 -24.21 -4.91 -12.27
N GLN B 61 -24.66 -5.97 -12.93
CA GLN B 61 -24.07 -6.31 -14.22
C GLN B 61 -25.10 -6.26 -15.36
N ARG B 62 -24.72 -5.59 -16.44
CA ARG B 62 -25.55 -5.51 -17.64
C ARG B 62 -25.25 -6.72 -18.52
N ARG B 63 -26.14 -7.00 -19.47
CA ARG B 63 -25.99 -8.20 -20.27
C ARG B 63 -24.94 -8.08 -21.38
N HIS B 64 -24.58 -6.85 -21.78
CA HIS B 64 -23.59 -6.65 -22.80
C HIS B 64 -22.62 -5.59 -22.38
N ASP B 65 -21.51 -5.50 -23.08
CA ASP B 65 -20.56 -4.42 -22.94
C ASP B 65 -19.97 -4.27 -21.55
N MET B 66 -19.72 -5.39 -20.88
CA MET B 66 -18.98 -5.39 -19.62
C MET B 66 -17.51 -5.62 -19.91
N GLY B 67 -16.69 -4.60 -19.70
CA GLY B 67 -15.29 -4.66 -20.11
C GLY B 67 -14.31 -4.28 -19.02
N SER B 68 -13.05 -4.13 -19.42
CA SER B 68 -11.99 -3.74 -18.49
C SER B 68 -11.97 -2.23 -18.35
N VAL B 69 -11.60 -1.76 -17.17
CA VAL B 69 -11.51 -0.33 -16.92
C VAL B 69 -10.40 0.31 -17.77
N ARG B 70 -9.48 -0.49 -18.25
CA ARG B 70 -8.38 0.05 -19.01
C ARG B 70 -8.81 0.52 -20.36
N GLN B 71 -10.05 0.28 -20.69
CA GLN B 71 -10.59 0.76 -21.95
C GLN B 71 -10.83 2.26 -21.87
N VAL B 72 -10.78 2.83 -20.68
CA VAL B 72 -11.02 4.25 -20.51
C VAL B 72 -9.78 4.97 -20.04
N ILE B 73 -8.68 4.27 -20.10
CA ILE B 73 -7.41 4.83 -19.65
C ILE B 73 -7.02 6.10 -20.41
N ASP B 74 -7.43 6.21 -21.64
CA ASP B 74 -7.02 7.36 -22.38
C ASP B 74 -8.01 8.49 -22.31
N LEU B 75 -9.07 8.34 -21.51
CA LEU B 75 -9.75 9.49 -20.98
C LEU B 75 -8.92 9.96 -19.82
N ASP B 76 -9.13 11.16 -19.30
CA ASP B 76 -8.10 11.70 -18.43
C ASP B 76 -7.80 10.97 -17.14
N VAL B 77 -6.69 11.34 -16.52
CA VAL B 77 -6.23 10.63 -15.33
C VAL B 77 -7.29 10.54 -14.23
N GLY B 78 -7.99 11.66 -13.99
CA GLY B 78 -8.96 11.72 -12.91
C GLY B 78 -10.13 10.77 -13.11
N LEU B 79 -10.75 10.86 -14.27
CA LEU B 79 -11.91 10.03 -14.60
C LEU B 79 -11.54 8.54 -14.58
N PHE B 80 -10.36 8.23 -15.10
CA PHE B 80 -9.86 6.85 -15.11
C PHE B 80 -9.58 6.34 -13.69
N GLN B 81 -9.05 7.21 -12.85
CA GLN B 81 -8.81 6.87 -11.44
C GLN B 81 -10.12 6.61 -10.72
N LEU B 82 -11.16 7.36 -11.08
CA LEU B 82 -12.45 7.19 -10.44
C LEU B 82 -13.15 5.93 -10.91
N ALA B 83 -13.00 5.59 -12.19
CA ALA B 83 -13.54 4.33 -12.68
C ALA B 83 -12.83 3.17 -11.97
N GLY B 84 -11.51 3.31 -11.83
CA GLY B 84 -10.73 2.35 -11.09
C GLY B 84 -11.22 2.19 -9.65
N ARG B 85 -11.55 3.32 -9.02
CA ARG B 85 -12.05 3.29 -7.67
C ARG B 85 -13.40 2.58 -7.60
N GLY B 86 -14.24 2.80 -8.60
CA GLY B 86 -15.55 2.17 -8.63
C GLY B 86 -15.47 0.66 -8.75
N VAL B 87 -14.63 0.22 -9.70
CA VAL B 87 -14.44 -1.21 -9.91
C VAL B 87 -13.82 -1.87 -8.69
N GLN B 88 -12.75 -1.25 -8.16
CA GLN B 88 -12.11 -1.76 -6.97
C GLN B 88 -13.06 -1.86 -5.79
N LEU B 89 -13.85 -0.82 -5.58
CA LEU B 89 -14.84 -0.82 -4.49
C LEU B 89 -15.84 -1.97 -4.64
N ALA B 90 -16.37 -2.13 -5.85
CA ALA B 90 -17.30 -3.23 -6.13
C ALA B 90 -16.67 -4.57 -5.74
N GLU B 91 -15.45 -4.79 -6.22
CA GLU B 91 -14.71 -6.00 -5.88
C GLU B 91 -14.57 -6.21 -4.36
N PHE B 92 -14.26 -5.12 -3.65
CA PHE B 92 -14.13 -5.16 -2.20
C PHE B 92 -15.40 -5.67 -1.50
N TYR B 93 -16.50 -4.97 -1.76
CA TYR B 93 -17.78 -5.36 -1.16
C TYR B 93 -18.12 -6.81 -1.48
N ARG B 94 -17.92 -7.21 -2.74
CA ARG B 94 -18.17 -8.60 -3.12
C ARG B 94 -17.25 -9.58 -2.37
N SER B 95 -16.02 -9.12 -2.07
CA SER B 95 -15.01 -9.97 -1.45
C SER B 95 -15.21 -10.08 0.05
N HIS B 96 -16.09 -9.25 0.60
CA HIS B 96 -16.37 -9.33 2.02
C HIS B 96 -17.86 -9.52 2.35
N LYS B 97 -18.55 -10.31 1.55
CA LYS B 97 -19.94 -10.66 1.84
C LYS B 97 -20.00 -11.41 3.18
N TYR B 98 -19.14 -12.41 3.32
CA TYR B 98 -19.01 -13.13 4.59
C TYR B 98 -17.74 -12.67 5.30
N CYS B 99 -17.69 -12.90 6.60
CA CYS B 99 -16.54 -12.52 7.42
C CYS B 99 -15.52 -13.66 7.47
N GLY B 100 -14.26 -13.33 7.17
CA GLY B 100 -13.20 -14.32 7.17
C GLY B 100 -12.85 -14.85 8.55
N TYR B 101 -13.25 -14.10 9.57
CA TYR B 101 -13.00 -14.50 10.96
C TYR B 101 -13.98 -15.56 11.42
N CYS B 102 -15.28 -15.25 11.33
CA CYS B 102 -16.33 -16.08 11.91
C CYS B 102 -17.25 -16.75 10.88
N GLY B 103 -17.39 -16.16 9.70
CA GLY B 103 -18.17 -16.75 8.62
C GLY B 103 -19.57 -16.19 8.48
N HIS B 104 -19.95 -15.31 9.41
CA HIS B 104 -21.26 -14.66 9.37
C HIS B 104 -21.30 -13.62 8.24
N GLU B 105 -22.48 -13.05 8.00
CA GLU B 105 -22.64 -12.08 6.91
C GLU B 105 -22.34 -10.67 7.39
N MET B 106 -21.36 -10.02 6.77
CA MET B 106 -20.93 -8.69 7.18
C MET B 106 -21.93 -7.63 6.72
N TYR B 107 -21.80 -6.45 7.29
CA TYR B 107 -22.57 -5.30 6.89
C TYR B 107 -21.69 -4.13 6.58
N PRO B 108 -22.12 -3.30 5.64
CA PRO B 108 -21.29 -2.15 5.22
C PRO B 108 -21.37 -0.96 6.18
N SER B 109 -20.25 -0.30 6.40
CA SER B 109 -20.21 0.92 7.21
C SER B 109 -21.02 2.01 6.53
N LYS B 110 -21.57 2.93 7.33
CA LYS B 110 -22.35 4.04 6.78
C LYS B 110 -21.53 5.32 6.72
N THR B 111 -20.35 5.29 7.32
CA THR B 111 -19.53 6.47 7.46
C THR B 111 -18.32 6.44 6.54
N GLU B 112 -17.91 5.23 6.17
CA GLU B 112 -16.72 5.04 5.35
C GLU B 112 -16.86 3.78 4.50
N TRP B 113 -15.89 3.57 3.60
CA TRP B 113 -15.87 2.35 2.80
C TRP B 113 -15.22 1.23 3.59
N ALA B 114 -16.05 0.38 4.18
CA ALA B 114 -15.59 -0.64 5.10
C ALA B 114 -16.66 -1.71 5.29
N MET B 115 -16.22 -2.93 5.59
CA MET B 115 -17.16 -4.01 5.88
C MET B 115 -17.05 -4.42 7.34
N LEU B 116 -18.19 -4.50 8.01
CA LEU B 116 -18.21 -4.66 9.46
C LEU B 116 -18.90 -5.95 9.86
N CYS B 117 -18.46 -6.53 10.98
CA CYS B 117 -19.13 -7.71 11.52
C CYS B 117 -19.82 -7.42 12.85
N SER B 118 -21.05 -7.91 13.00
CA SER B 118 -21.83 -7.67 14.19
C SER B 118 -21.72 -8.87 15.14
N HIS B 119 -21.08 -9.94 14.67
CA HIS B 119 -20.92 -11.14 15.47
C HIS B 119 -19.64 -11.02 16.30
N CYS B 120 -18.53 -10.71 15.63
CA CYS B 120 -17.26 -10.34 16.27
C CYS B 120 -16.97 -8.90 15.85
N ARG B 121 -16.12 -8.19 16.56
CA ARG B 121 -15.95 -6.77 16.25
C ARG B 121 -15.10 -6.46 15.05
N GLU B 122 -14.61 -7.49 14.39
CA GLU B 122 -13.66 -7.29 13.29
C GLU B 122 -14.25 -6.56 12.08
N ARG B 123 -13.37 -6.11 11.20
CA ARG B 123 -13.77 -5.38 10.01
C ARG B 123 -12.70 -5.40 8.92
N TYR B 124 -13.06 -4.89 7.75
CA TYR B 124 -12.13 -4.86 6.64
C TYR B 124 -12.20 -3.53 5.91
N TYR B 125 -11.05 -3.07 5.44
CA TYR B 125 -10.99 -1.92 4.55
C TYR B 125 -10.55 -2.41 3.17
N PRO B 126 -10.83 -1.62 2.13
CA PRO B 126 -10.42 -2.03 0.79
C PRO B 126 -8.92 -2.30 0.74
N GLN B 127 -8.53 -3.38 0.07
CA GLN B 127 -7.13 -3.76 -0.02
C GLN B 127 -6.42 -3.09 -1.21
N ILE B 128 -5.35 -2.37 -0.91
CA ILE B 128 -4.50 -1.77 -1.92
C ILE B 128 -3.15 -2.46 -1.84
N ALA B 129 -2.65 -2.94 -2.97
CA ALA B 129 -1.40 -3.69 -2.99
C ALA B 129 -0.23 -2.82 -3.48
N PRO B 130 0.63 -2.39 -2.55
CA PRO B 130 1.74 -1.53 -2.91
C PRO B 130 2.67 -2.25 -3.88
N CYS B 131 3.12 -1.56 -4.92
CA CYS B 131 3.90 -2.21 -5.95
C CYS B 131 4.99 -1.28 -6.49
N ILE B 132 6.25 -1.67 -6.31
CA ILE B 132 7.32 -0.86 -6.85
C ILE B 132 7.48 -1.03 -8.36
N ILE B 133 7.92 0.03 -9.00
CA ILE B 133 8.32 -0.03 -10.40
C ILE B 133 9.53 0.88 -10.57
N VAL B 134 10.58 0.38 -11.22
CA VAL B 134 11.85 1.09 -11.20
C VAL B 134 12.55 1.20 -12.54
N ALA B 135 12.98 2.42 -12.87
CA ALA B 135 13.84 2.64 -14.01
C ALA B 135 15.28 2.66 -13.55
N ILE B 136 16.06 1.66 -13.94
CA ILE B 136 17.46 1.56 -13.52
C ILE B 136 18.39 2.25 -14.50
N ARG B 137 19.12 3.26 -14.01
CA ARG B 137 20.07 3.99 -14.84
C ARG B 137 21.48 3.44 -14.72
N ARG B 138 22.23 3.53 -15.81
CA ARG B 138 23.67 3.28 -15.79
C ARG B 138 24.28 4.27 -16.76
N ASP B 139 24.74 5.40 -16.23
CA ASP B 139 25.21 6.52 -17.04
C ASP B 139 24.17 6.91 -18.10
N ASP B 140 24.55 6.80 -19.37
CA ASP B 140 23.65 7.15 -20.46
C ASP B 140 22.67 6.04 -20.83
N SER B 141 22.71 4.93 -20.10
CA SER B 141 21.88 3.78 -20.41
C SER B 141 20.81 3.49 -19.34
N ILE B 142 19.70 2.90 -19.77
CA ILE B 142 18.64 2.48 -18.87
C ILE B 142 18.26 1.03 -19.14
N LEU B 143 18.03 0.27 -18.07
CA LEU B 143 17.67 -1.14 -18.18
C LEU B 143 16.23 -1.33 -18.66
N LEU B 144 16.09 -2.01 -19.80
CA LEU B 144 14.77 -2.36 -20.31
C LEU B 144 14.63 -3.88 -20.48
N ALA B 145 13.48 -4.40 -20.10
CA ALA B 145 13.23 -5.83 -20.18
C ALA B 145 11.99 -6.16 -21.01
N GLN B 146 11.95 -7.40 -21.47
CA GLN B 146 10.79 -7.99 -22.12
C GLN B 146 10.19 -9.09 -21.29
N HIS B 147 8.91 -9.00 -21.00
CA HIS B 147 8.29 -9.96 -20.12
C HIS B 147 7.75 -11.20 -20.84
N THR B 148 7.94 -12.36 -20.23
CA THR B 148 7.37 -13.56 -20.76
C THR B 148 5.91 -13.60 -20.43
N ARG B 149 5.56 -13.03 -19.29
CA ARG B 149 4.19 -12.97 -18.81
C ARG B 149 3.24 -12.48 -19.90
N HIS B 150 3.68 -11.46 -20.63
CA HIS B 150 2.96 -10.98 -21.80
C HIS B 150 3.97 -10.62 -22.89
N ARG B 151 3.86 -11.26 -24.05
CA ARG B 151 4.87 -11.14 -25.10
C ARG B 151 4.37 -10.32 -26.28
N ASN B 152 4.73 -9.05 -26.33
CA ASN B 152 4.26 -8.13 -27.34
C ASN B 152 5.39 -7.36 -28.03
N GLY B 153 6.61 -7.57 -27.57
CA GLY B 153 7.76 -6.91 -28.15
C GLY B 153 7.99 -5.52 -27.59
N VAL B 154 7.43 -5.27 -26.42
CA VAL B 154 7.61 -3.99 -25.76
C VAL B 154 8.62 -4.08 -24.61
N HIS B 155 9.62 -3.22 -24.64
CA HIS B 155 10.64 -3.21 -23.61
C HIS B 155 10.23 -2.21 -22.53
N THR B 156 10.04 -2.71 -21.31
CA THR B 156 9.59 -1.86 -20.21
C THR B 156 10.45 -2.03 -18.96
N VAL B 157 10.15 -1.24 -17.94
CA VAL B 157 10.91 -1.26 -16.70
C VAL B 157 10.48 -2.43 -15.82
N LEU B 158 11.17 -2.62 -14.71
CA LEU B 158 10.88 -3.73 -13.79
C LEU B 158 9.85 -3.31 -12.75
N ALA B 159 9.06 -4.26 -12.27
CA ALA B 159 8.08 -3.99 -11.23
C ALA B 159 7.77 -5.23 -10.39
N GLY B 160 7.30 -5.01 -9.18
CA GLY B 160 6.97 -6.12 -8.30
C GLY B 160 6.22 -5.68 -7.07
N PHE B 161 5.38 -6.57 -6.56
CA PHE B 161 4.61 -6.28 -5.35
C PHE B 161 5.53 -6.16 -4.15
N VAL B 162 5.22 -5.19 -3.29
CA VAL B 162 5.91 -5.03 -2.03
C VAL B 162 5.45 -6.09 -1.05
N GLU B 163 6.36 -6.70 -0.34
CA GLU B 163 6.05 -7.75 0.58
C GLU B 163 5.68 -7.22 1.93
N VAL B 164 4.95 -8.00 2.69
CA VAL B 164 4.69 -7.68 4.08
C VAL B 164 6.00 -7.56 4.86
N GLY B 165 6.17 -6.42 5.52
CA GLY B 165 7.31 -6.23 6.39
C GLY B 165 8.53 -5.62 5.70
N GLU B 166 8.38 -5.25 4.43
CA GLU B 166 9.51 -4.67 3.72
C GLU B 166 9.26 -3.23 3.32
N THR B 167 10.33 -2.45 3.22
CA THR B 167 10.22 -1.08 2.78
C THR B 167 10.15 -1.05 1.26
N LEU B 168 9.74 0.09 0.70
CA LEU B 168 9.72 0.25 -0.73
C LEU B 168 11.14 0.07 -1.27
N GLU B 169 12.10 0.68 -0.59
CA GLU B 169 13.51 0.57 -0.92
C GLU B 169 13.95 -0.89 -1.00
N GLN B 170 13.70 -1.64 0.07
CA GLN B 170 13.98 -3.07 0.09
C GLN B 170 13.28 -3.81 -1.04
N ALA B 171 12.06 -3.41 -1.36
CA ALA B 171 11.29 -4.04 -2.44
C ALA B 171 11.94 -3.82 -3.80
N VAL B 172 12.41 -2.60 -4.06
CA VAL B 172 13.08 -2.30 -5.31
C VAL B 172 14.36 -3.12 -5.44
N ALA B 173 15.20 -3.03 -4.40
CA ALA B 173 16.44 -3.79 -4.40
C ALA B 173 16.18 -5.27 -4.64
N ARG B 174 15.17 -5.79 -3.96
CA ARG B 174 14.79 -7.20 -4.05
C ARG B 174 14.36 -7.61 -5.45
N GLU B 175 13.32 -6.96 -5.97
CA GLU B 175 12.79 -7.30 -7.30
C GLU B 175 13.85 -7.20 -8.36
N VAL B 176 14.66 -6.14 -8.28
CA VAL B 176 15.74 -5.94 -9.24
C VAL B 176 16.71 -7.10 -9.18
N MET B 177 17.06 -7.49 -7.96
CA MET B 177 18.02 -8.57 -7.75
C MET B 177 17.49 -9.93 -8.23
N GLU B 178 16.20 -10.18 -8.09
CA GLU B 178 15.65 -11.45 -8.46
C GLU B 178 15.43 -11.57 -9.93
N GLU B 179 15.06 -10.47 -10.56
CA GLU B 179 14.73 -10.52 -11.95
C GLU B 179 15.91 -10.39 -12.86
N SER B 180 16.87 -9.54 -12.48
CA SER B 180 17.98 -9.15 -13.35
C SER B 180 19.33 -9.51 -12.77
N GLY B 181 19.40 -9.65 -11.45
CA GLY B 181 20.63 -10.00 -10.78
C GLY B 181 21.64 -8.88 -10.75
N ILE B 182 21.16 -7.65 -10.68
CA ILE B 182 22.06 -6.52 -10.51
C ILE B 182 21.71 -5.76 -9.22
N LYS B 183 22.66 -5.00 -8.70
CA LYS B 183 22.51 -4.23 -7.49
C LYS B 183 22.35 -2.76 -7.81
N VAL B 184 21.45 -2.12 -7.11
CA VAL B 184 21.20 -0.70 -7.39
C VAL B 184 21.57 0.19 -6.21
N LYS B 185 21.60 1.49 -6.45
CA LYS B 185 21.91 2.47 -5.42
C LYS B 185 21.22 3.77 -5.78
N ASN B 186 21.20 4.72 -4.84
CA ASN B 186 20.66 6.05 -5.09
C ASN B 186 19.23 6.04 -5.63
N LEU B 187 18.33 5.37 -4.90
CA LEU B 187 16.93 5.35 -5.26
C LEU B 187 16.31 6.73 -5.12
N ARG B 188 15.46 7.08 -6.09
CA ARG B 188 14.76 8.36 -6.06
C ARG B 188 13.30 8.14 -6.41
N TYR B 189 12.43 8.42 -5.46
CA TYR B 189 11.00 8.33 -5.70
C TYR B 189 10.64 9.36 -6.75
N VAL B 190 9.78 8.98 -7.67
CA VAL B 190 9.35 9.88 -8.71
C VAL B 190 7.91 10.29 -8.49
N THR B 191 7.03 9.28 -8.43
CA THR B 191 5.61 9.50 -8.31
C THR B 191 4.89 8.20 -7.94
N SER B 192 3.57 8.28 -7.81
CA SER B 192 2.74 7.12 -7.53
C SER B 192 1.47 7.15 -8.39
N GLN B 193 0.90 6.00 -8.66
CA GLN B 193 -0.34 5.91 -9.41
C GLN B 193 -1.15 4.66 -9.12
N PRO B 194 -2.44 4.83 -8.80
CA PRO B 194 -3.28 3.65 -8.56
C PRO B 194 -3.45 2.88 -9.87
N TRP B 195 -3.44 1.56 -9.77
CA TRP B 195 -3.41 0.70 -10.95
C TRP B 195 -4.35 -0.47 -10.74
N PRO B 196 -5.61 -0.33 -11.18
CA PRO B 196 -6.69 -1.24 -10.84
C PRO B 196 -6.65 -2.56 -11.61
N PHE B 197 -5.58 -3.33 -11.47
CA PHE B 197 -5.46 -4.59 -12.19
C PHE B 197 -4.85 -5.71 -11.36
N PRO B 198 -5.56 -6.16 -10.30
CA PRO B 198 -6.90 -5.70 -9.91
C PRO B 198 -6.92 -4.48 -8.99
N GLN B 199 -5.87 -4.25 -8.21
CA GLN B 199 -5.98 -3.33 -7.08
C GLN B 199 -4.66 -2.82 -6.52
N SER B 200 -3.74 -2.42 -7.39
CA SER B 200 -2.42 -2.04 -6.89
C SER B 200 -2.14 -0.55 -6.90
N LEU B 201 -1.13 -0.15 -6.14
CA LEU B 201 -0.66 1.23 -6.11
C LEU B 201 0.81 1.23 -6.47
N MET B 202 1.14 1.80 -7.63
CA MET B 202 2.51 1.82 -8.08
C MET B 202 3.27 2.93 -7.37
N THR B 203 4.49 2.62 -6.95
CA THR B 203 5.43 3.64 -6.54
C THR B 203 6.58 3.60 -7.52
N ALA B 204 6.76 4.69 -8.25
CA ALA B 204 7.75 4.73 -9.30
C ALA B 204 9.08 5.19 -8.73
N PHE B 205 10.14 4.47 -9.09
CA PHE B 205 11.47 4.77 -8.61
C PHE B 205 12.51 4.83 -9.72
N MET B 206 13.50 5.69 -9.55
CA MET B 206 14.68 5.62 -10.38
C MET B 206 15.82 5.07 -9.55
N ALA B 207 16.72 4.34 -10.18
CA ALA B 207 17.87 3.81 -9.48
C ALA B 207 19.09 3.86 -10.37
N GLU B 208 20.26 3.96 -9.74
CA GLU B 208 21.52 3.90 -10.46
C GLU B 208 22.13 2.52 -10.34
N TYR B 209 22.76 2.06 -11.41
CA TYR B 209 23.51 0.82 -11.40
C TYR B 209 24.65 0.90 -10.39
N ASP B 210 24.75 -0.11 -9.54
CA ASP B 210 25.83 -0.17 -8.57
C ASP B 210 26.85 -1.22 -9.03
N SER B 211 26.40 -2.45 -9.20
CA SER B 211 27.25 -3.55 -9.63
C SER B 211 26.43 -4.75 -10.05
N GLY B 212 27.12 -5.78 -10.56
CA GLY B 212 26.46 -6.98 -11.04
C GLY B 212 26.41 -7.05 -12.55
N ASP B 213 26.12 -8.23 -13.09
CA ASP B 213 25.87 -8.43 -14.51
C ASP B 213 24.43 -8.90 -14.68
N ILE B 214 23.88 -8.72 -15.88
CA ILE B 214 22.50 -9.14 -16.13
C ILE B 214 22.36 -10.66 -16.18
N VAL B 215 21.76 -11.21 -15.14
CA VAL B 215 21.42 -12.63 -15.10
C VAL B 215 19.93 -12.74 -14.81
N ILE B 216 19.16 -13.26 -15.75
CA ILE B 216 17.72 -13.25 -15.59
C ILE B 216 17.12 -14.60 -15.24
N ASP B 217 15.97 -14.61 -14.59
CA ASP B 217 15.20 -15.83 -14.56
C ASP B 217 14.24 -15.75 -15.68
N PRO B 218 14.16 -16.80 -16.48
CA PRO B 218 13.29 -16.92 -17.64
C PRO B 218 11.84 -17.05 -17.30
N LYS B 219 11.57 -17.25 -16.02
CA LYS B 219 10.19 -17.34 -15.56
C LYS B 219 9.57 -15.95 -15.44
N GLU B 220 10.41 -14.95 -15.47
CA GLU B 220 9.93 -13.59 -15.38
C GLU B 220 10.15 -12.87 -16.66
N LEU B 221 11.36 -12.94 -17.18
CA LEU B 221 11.75 -12.15 -18.34
C LEU B 221 12.32 -12.97 -19.50
N LEU B 222 12.00 -12.56 -20.71
CA LEU B 222 12.53 -13.20 -21.90
C LEU B 222 13.88 -12.64 -22.26
N GLU B 223 14.10 -11.38 -21.96
CA GLU B 223 15.41 -10.75 -22.15
C GLU B 223 15.45 -9.39 -21.46
N ALA B 224 16.66 -8.87 -21.25
CA ALA B 224 16.84 -7.63 -20.52
C ALA B 224 18.19 -7.02 -20.88
N ASN B 225 18.20 -5.74 -21.22
CA ASN B 225 19.44 -5.11 -21.63
C ASN B 225 19.58 -3.63 -21.34
N TRP B 226 20.79 -3.11 -21.54
CA TRP B 226 21.05 -1.69 -21.33
C TRP B 226 20.83 -0.97 -22.64
N TYR B 227 19.92 0.00 -22.63
CA TYR B 227 19.64 0.76 -23.83
C TYR B 227 20.02 2.23 -23.62
N ARG B 228 20.76 2.79 -24.55
CA ARG B 228 21.15 4.17 -24.42
C ARG B 228 19.96 5.03 -24.62
N TYR B 229 19.94 6.18 -23.98
CA TYR B 229 18.71 6.96 -23.82
C TYR B 229 18.09 7.52 -25.10
N ASP B 230 18.92 7.82 -26.10
CA ASP B 230 18.41 8.36 -27.35
C ASP B 230 18.18 7.27 -28.39
N ASP B 231 18.44 6.02 -28.02
CA ASP B 231 18.25 4.91 -28.93
C ASP B 231 17.34 3.84 -28.32
N LEU B 232 16.14 4.24 -27.94
CA LEU B 232 15.21 3.34 -27.26
C LEU B 232 14.41 2.45 -28.20
N PRO B 233 14.07 1.24 -27.73
CA PRO B 233 13.16 0.35 -28.46
C PRO B 233 11.69 0.72 -28.21
N LEU B 234 10.78 -0.19 -28.46
CA LEU B 234 9.39 0.07 -28.24
C LEU B 234 9.08 0.19 -26.76
N LEU B 235 8.37 1.23 -26.39
CA LEU B 235 8.07 1.51 -24.99
C LEU B 235 6.56 1.37 -24.73
N PRO B 236 6.18 1.23 -23.45
CA PRO B 236 4.76 1.26 -23.08
C PRO B 236 4.07 2.53 -23.56
N PRO B 237 2.77 2.48 -23.77
CA PRO B 237 2.02 3.62 -24.27
C PRO B 237 2.03 4.77 -23.32
N PRO B 238 1.99 5.98 -23.86
CA PRO B 238 1.88 7.17 -23.02
C PRO B 238 0.59 7.13 -22.20
N GLY B 239 0.72 7.27 -20.88
CA GLY B 239 -0.42 7.17 -20.00
C GLY B 239 -0.17 6.15 -18.91
N THR B 240 0.86 5.34 -19.10
CA THR B 240 1.24 4.38 -18.08
C THR B 240 2.36 4.94 -17.22
N VAL B 241 2.49 4.40 -16.01
CA VAL B 241 3.55 4.77 -15.11
C VAL B 241 4.90 4.49 -15.76
N ALA B 242 5.00 3.31 -16.36
CA ALA B 242 6.23 2.87 -17.02
C ALA B 242 6.77 3.92 -17.99
N ARG B 243 5.95 4.39 -18.90
CA ARG B 243 6.42 5.38 -19.86
C ARG B 243 6.78 6.69 -19.25
N ARG B 244 6.08 7.11 -18.22
CA ARG B 244 6.49 8.29 -17.50
C ARG B 244 7.87 8.14 -16.93
N LEU B 245 8.11 7.00 -16.30
CA LEU B 245 9.40 6.72 -15.70
C LEU B 245 10.51 6.76 -16.73
N ILE B 246 10.28 6.08 -17.85
CA ILE B 246 11.27 6.01 -18.90
C ILE B 246 11.56 7.39 -19.50
N GLU B 247 10.51 8.17 -19.74
CA GLU B 247 10.66 9.51 -20.30
C GLU B 247 11.41 10.44 -19.35
N ASP B 248 11.09 10.36 -18.07
CA ASP B 248 11.78 11.17 -17.08
C ASP B 248 13.24 10.78 -16.96
N THR B 249 13.50 9.48 -17.13
CA THR B 249 14.86 8.96 -17.07
C THR B 249 15.67 9.49 -18.24
N VAL B 250 15.06 9.44 -19.42
CA VAL B 250 15.69 9.97 -20.63
C VAL B 250 15.91 11.47 -20.53
N ALA B 251 14.97 12.17 -19.89
CA ALA B 251 15.08 13.61 -19.69
C ALA B 251 16.25 13.91 -18.77
N MET B 252 16.42 13.03 -17.78
CA MET B 252 17.51 13.15 -16.83
C MET B 252 18.84 12.99 -17.56
N CYS B 253 18.93 11.95 -18.38
CA CYS B 253 20.12 11.70 -19.18
C CYS B 253 20.42 12.88 -20.08
N ARG B 254 19.35 13.46 -20.64
CA ARG B 254 19.43 14.63 -21.49
C ARG B 254 20.03 15.79 -20.70
N ALA B 255 19.67 15.84 -19.43
CA ALA B 255 20.10 16.93 -18.55
C ALA B 255 21.54 16.77 -18.08
N GLU B 256 22.05 15.56 -18.07
CA GLU B 256 23.40 15.31 -17.61
C GLU B 256 24.41 14.97 -18.68
N TYR B 257 23.97 14.83 -19.92
CA TYR B 257 24.88 14.41 -21.00
C TYR B 257 24.80 15.26 -22.26
N GLU B 258 24.07 16.35 -22.22
CA GLU B 258 24.03 17.24 -23.36
C GLU B 258 23.48 18.58 -22.98
ZN ZN C . -14.97 -18.96 -1.63
PA NAD D . -5.70 5.66 13.32
O1A NAD D . -4.69 4.59 13.58
O2A NAD D . -6.64 5.53 14.45
O5B NAD D . -6.53 5.37 12.01
C5B NAD D . -7.31 6.36 11.37
C4B NAD D . -8.63 5.85 10.89
O4B NAD D . -8.63 5.54 9.46
C3B NAD D . -9.09 4.67 11.57
O3B NAD D . -10.03 5.10 12.54
C2B NAD D . -9.89 3.95 10.65
O2B NAD D . -11.18 4.48 10.91
C1B NAD D . -9.41 4.30 9.32
N9A NAD D . -8.71 3.25 8.71
C8A NAD D . -8.08 2.24 9.28
N7A NAD D . -7.55 1.42 8.42
C5A NAD D . -7.83 1.89 7.26
C6A NAD D . -7.56 1.51 5.94
N6A NAD D . -6.83 0.37 5.71
N1A NAD D . -8.00 2.24 4.89
C2A NAD D . -8.73 3.35 5.02
N3A NAD D . -9.01 3.77 6.30
C4A NAD D . -8.58 3.07 7.40
O3 NAD D . -5.08 7.11 13.24
PN NAD D . -4.21 7.67 12.09
O1N NAD D . -3.62 8.98 12.40
O2N NAD D . -5.07 7.82 10.91
O5D NAD D . -2.99 6.71 11.89
C5D NAD D . -2.59 6.17 10.61
C4D NAD D . -1.73 4.95 10.75
O4D NAD D . -0.31 5.36 10.58
C3D NAD D . -1.80 4.29 12.05
O3D NAD D . -1.50 2.88 12.00
C2D NAD D . -0.69 4.74 12.80
O2D NAD D . -0.46 3.56 13.57
C1D NAD D . 0.35 4.84 11.81
N1N NAD D . 1.26 5.79 12.20
C2N NAD D . 2.66 5.60 12.22
C3N NAD D . 3.47 6.57 12.58
C7N NAD D . 4.97 6.31 12.58
O7N NAD D . 5.41 5.30 12.14
N7N NAD D . 5.87 7.28 13.12
C4N NAD D . 3.13 7.68 12.94
C5N NAD D . 1.91 8.04 12.98
C6N NAD D . 0.84 7.18 12.63
ZN ZN E . -16.88 -11.99 12.11
PA NAD F . 1.97 -10.00 -11.68
O1A NAD F . 0.52 -10.30 -11.33
O2A NAD F . 2.20 -10.30 -13.14
O5B NAD F . 2.94 -10.93 -10.77
C5B NAD F . 2.84 -10.85 -9.35
C4B NAD F . 2.51 -12.18 -8.73
O4B NAD F . 2.26 -12.00 -7.27
C3B NAD F . 1.26 -12.73 -9.33
O3B NAD F . 1.43 -14.14 -9.62
C2B NAD F . 0.18 -12.53 -8.35
O2B NAD F . -0.69 -13.68 -8.35
C1B NAD F . 0.81 -12.36 -7.04
N9A NAD F . 0.16 -11.38 -6.28
C8A NAD F . -0.99 -10.78 -6.62
N7A NAD F . -1.34 -9.90 -5.68
C5A NAD F . -0.43 -9.90 -4.72
C6A NAD F . -0.27 -9.20 -3.53
N6A NAD F . -1.22 -8.25 -3.13
N1A NAD F . 0.80 -9.44 -2.74
C2A NAD F . 1.72 -10.33 -3.08
N3A NAD F . 1.60 -11.03 -4.25
C4A NAD F . 0.56 -10.85 -5.07
O3 NAD F . 2.25 -8.46 -11.40
PN NAD F . 3.58 -7.69 -11.67
O1N NAD F . 3.79 -7.50 -13.16
O2N NAD F . 4.75 -8.43 -11.07
O5D NAD F . 3.44 -6.25 -10.98
C5D NAD F . 2.28 -6.05 -10.14
C4D NAD F . 1.37 -5.00 -10.70
O4D NAD F . 2.19 -3.91 -11.32
C3D NAD F . 0.52 -5.58 -11.74
O3D NAD F . -0.88 -5.30 -11.43
C2D NAD F . 0.88 -4.94 -13.00
O2D NAD F . -0.32 -4.76 -13.83
C1D NAD F . 1.42 -3.64 -12.59
N1N NAD F . 2.20 -3.03 -13.58
C2N NAD F . 1.95 -1.68 -14.03
C3N NAD F . 2.68 -1.08 -14.97
C7N NAD F . 2.31 0.35 -15.35
O7N NAD F . 1.60 1.01 -14.62
N7N NAD F . 2.81 0.92 -16.57
C4N NAD F . 3.64 -1.61 -15.54
C5N NAD F . 4.02 -2.82 -15.29
C6N NAD F . 3.39 -3.67 -14.31
#